data_1V1P
#
_entry.id   1V1P
#
_cell.length_a   51.653
_cell.length_b   71.598
_cell.length_c   103.471
_cell.angle_alpha   90.00
_cell.angle_beta   90.00
_cell.angle_gamma   90.00
#
_symmetry.space_group_name_H-M   'P 21 21 21'
#
loop_
_entity.id
_entity.type
_entity.pdbx_description
1 polymer 'Exotoxin 1'
2 polymer 'Exotoxin 1'
3 water water
#
loop_
_entity_poly.entity_id
_entity_poly.type
_entity_poly.pdbx_seq_one_letter_code
_entity_poly.pdbx_strand_id
1 'polypeptide(L)'
;MRGSHHHHHHGSAEKQERVQHLHDIRDLHRYYSSESFEYSNVSGKVENYNGSNVVRFNPQNHQLFLLGKDKEQYKEGLQG
QNVFVVQELIDPNGRLSTVGGVTKKNNKTSETNTPLFVNKVNGEDLDASIDSFLIQKEEISLKELDFKIRQQLVNNYGLY
KGTSKYGKIIINLKDENKVEIDLGDKLQFERMGDVLNSKDIRGISVTINQI
;
A
2 'polypeptide(L)'
;MRGSHHHHHHGSAEKQERVQHLHDIRDLHRYYSSESFEYSNVSGKVENYNGSNVVRFNPKDQNHQLFLLGKDKEQYKEGL
QGQNVFVVQELIDPNGRLSTVGGVTKKNNKTSETNTPLFVNKVNGEDLDASIDSFLIQKEEISLKELDFKIRQQLVNNYG
LYKGTSKYGKIIINLKDENKVEIDLGDKLQFERMGDVLNSKDIRGISVTINQI
;
B
#
# COMPACT_ATOMS: atom_id res chain seq x y z
N HIS A 21 11.13 -23.35 -10.26
CA HIS A 21 9.95 -22.66 -9.67
C HIS A 21 8.74 -23.61 -9.49
N LEU A 22 8.12 -23.57 -8.32
CA LEU A 22 6.96 -24.45 -8.04
C LEU A 22 5.68 -23.82 -8.57
N HIS A 23 5.10 -24.43 -9.60
CA HIS A 23 3.75 -24.07 -10.07
C HIS A 23 2.76 -24.97 -9.34
N ASP A 24 1.47 -24.77 -9.59
CA ASP A 24 0.37 -25.61 -9.02
C ASP A 24 -0.13 -25.13 -7.67
N ILE A 25 -1.39 -24.68 -7.67
CA ILE A 25 -2.02 -24.02 -6.53
C ILE A 25 -1.99 -24.86 -5.26
N ARG A 26 -2.17 -26.17 -5.39
CA ARG A 26 -2.22 -27.06 -4.24
C ARG A 26 -0.84 -27.21 -3.59
N ASP A 27 0.20 -27.23 -4.41
CA ASP A 27 1.57 -27.33 -3.93
C ASP A 27 2.03 -26.06 -3.21
N LEU A 28 1.63 -24.93 -3.78
CA LEU A 28 1.88 -23.61 -3.18
C LEU A 28 1.19 -23.49 -1.82
N HIS A 29 -0.06 -23.93 -1.76
CA HIS A 29 -0.84 -23.88 -0.54
C HIS A 29 -0.20 -24.64 0.62
N ARG A 30 0.26 -25.85 0.36
CA ARG A 30 0.80 -26.71 1.42
C ARG A 30 2.10 -26.13 1.96
N TYR A 31 2.97 -25.69 1.05
CA TYR A 31 4.27 -25.16 1.44
C TYR A 31 4.10 -23.88 2.27
N TYR A 32 3.21 -22.99 1.85
CA TYR A 32 3.04 -21.71 2.54
C TYR A 32 2.07 -21.81 3.71
N SER A 33 1.57 -23.02 3.94
CA SER A 33 0.84 -23.36 5.15
C SER A 33 1.67 -24.19 6.14
N SER A 34 2.87 -24.59 5.72
CA SER A 34 3.68 -25.50 6.53
C SER A 34 4.20 -24.80 7.80
N GLU A 35 4.82 -25.59 8.68
CA GLU A 35 5.38 -25.03 9.91
C GLU A 35 6.77 -24.49 9.62
N SER A 36 7.13 -23.41 10.31
CA SER A 36 8.46 -22.82 10.19
C SER A 36 9.09 -22.68 11.56
N PHE A 37 10.42 -22.71 11.58
CA PHE A 37 11.16 -22.54 12.82
C PHE A 37 12.15 -21.42 12.66
N GLU A 38 12.61 -20.89 13.78
CA GLU A 38 13.66 -19.87 13.78
C GLU A 38 14.67 -20.22 14.85
N TYR A 39 15.94 -20.25 14.45
CA TYR A 39 17.02 -20.66 15.32
C TYR A 39 18.01 -19.53 15.51
N SER A 40 18.63 -19.51 16.67
CA SER A 40 19.61 -18.51 17.03
C SER A 40 20.91 -19.22 17.39
N ASN A 41 22.00 -18.47 17.44
CA ASN A 41 23.29 -19.03 17.79
C ASN A 41 23.67 -20.21 16.87
N VAL A 42 23.33 -20.08 15.59
CA VAL A 42 23.61 -21.10 14.59
C VAL A 42 24.98 -20.83 13.99
N SER A 43 25.90 -21.77 14.24
CA SER A 43 27.19 -21.76 13.59
C SER A 43 27.44 -23.13 12.96
N GLY A 44 28.01 -23.11 11.76
CA GLY A 44 28.52 -24.31 11.12
C GLY A 44 29.69 -23.93 10.25
N LYS A 45 30.51 -24.92 9.88
CA LYS A 45 31.70 -24.65 9.10
C LYS A 45 31.31 -24.18 7.70
N VAL A 46 30.94 -25.12 6.83
CA VAL A 46 30.80 -24.93 5.38
C VAL A 46 31.26 -26.22 4.70
N GLU A 47 30.56 -26.60 3.65
CA GLU A 47 30.77 -27.89 2.98
C GLU A 47 30.13 -27.84 1.60
N ASN A 48 30.78 -28.43 0.61
CA ASN A 48 30.22 -28.53 -0.74
C ASN A 48 29.35 -29.79 -0.85
N TYR A 49 28.09 -29.59 -1.23
CA TYR A 49 27.15 -30.68 -1.54
C TYR A 49 26.82 -30.54 -3.02
N ASN A 50 27.32 -31.46 -3.83
CA ASN A 50 27.25 -31.42 -5.30
C ASN A 50 26.89 -30.04 -5.90
N GLY A 51 27.85 -29.11 -5.85
CA GLY A 51 27.72 -27.81 -6.51
C GLY A 51 27.62 -26.61 -5.57
N SER A 52 26.45 -26.46 -4.95
CA SER A 52 26.17 -25.32 -4.06
C SER A 52 26.75 -25.54 -2.67
N ASN A 53 26.94 -24.45 -1.91
CA ASN A 53 27.56 -24.52 -0.59
C ASN A 53 26.53 -24.69 0.51
N VAL A 54 26.96 -25.28 1.63
CA VAL A 54 26.04 -25.82 2.64
C VAL A 54 26.58 -25.62 4.06
N VAL A 55 25.71 -25.70 5.06
CA VAL A 55 26.12 -25.64 6.46
C VAL A 55 25.25 -26.57 7.34
N ARG A 56 25.83 -27.63 7.88
CA ARG A 56 25.09 -28.55 8.74
C ARG A 56 25.09 -28.11 10.20
N PHE A 57 23.95 -28.35 10.88
CA PHE A 57 23.78 -28.08 12.32
C PHE A 57 22.64 -28.92 12.92
N ASN A 58 22.61 -29.12 14.25
CA ASN A 58 21.83 -30.23 14.84
C ASN A 58 20.90 -29.95 16.05
N PRO A 59 20.36 -28.73 16.19
CA PRO A 59 19.55 -28.38 17.38
C PRO A 59 18.30 -29.25 17.55
N GLN A 60 17.33 -33.00 16.11
CA GLN A 60 17.14 -33.15 14.67
C GLN A 60 18.29 -32.50 13.89
N ASN A 61 18.72 -33.16 12.82
CA ASN A 61 19.84 -32.71 11.99
C ASN A 61 19.38 -31.81 10.83
N HIS A 62 20.24 -30.85 10.44
CA HIS A 62 19.86 -29.77 9.51
C HIS A 62 20.92 -29.46 8.45
N GLN A 63 20.47 -28.86 7.36
CA GLN A 63 21.33 -28.51 6.22
C GLN A 63 20.85 -27.20 5.61
N LEU A 64 21.77 -26.27 5.36
CA LEU A 64 21.41 -24.93 4.93
C LEU A 64 22.13 -24.56 3.63
N PHE A 65 21.37 -24.40 2.56
CA PHE A 65 21.92 -24.05 1.27
C PHE A 65 22.10 -22.55 1.19
N LEU A 66 23.36 -22.12 1.07
CA LEU A 66 23.69 -20.75 0.77
C LEU A 66 23.93 -20.66 -0.74
N LEU A 67 22.98 -20.07 -1.46
CA LEU A 67 23.08 -19.98 -2.91
C LEU A 67 22.46 -18.67 -3.43
N GLY A 68 22.73 -17.59 -2.72
CA GLY A 68 22.19 -16.30 -3.08
C GLY A 68 23.08 -15.16 -2.64
N LYS A 69 22.45 -14.11 -2.12
CA LYS A 69 23.20 -13.03 -1.49
C LYS A 69 23.90 -13.54 -0.23
N ASP A 70 23.48 -14.68 0.29
CA ASP A 70 24.19 -15.29 1.43
C ASP A 70 25.42 -16.07 0.99
N LYS A 71 25.43 -16.59 -0.23
CA LYS A 71 26.64 -17.17 -0.82
C LYS A 71 27.78 -16.17 -0.73
N GLU A 72 27.46 -14.90 -0.94
CA GLU A 72 28.42 -13.79 -0.85
C GLU A 72 28.84 -13.49 0.59
N GLN A 73 27.84 -13.33 1.46
CA GLN A 73 28.06 -12.75 2.78
C GLN A 73 28.56 -13.78 3.81
N TYR A 74 28.21 -15.04 3.58
CA TYR A 74 28.60 -16.15 4.46
C TYR A 74 29.42 -17.16 3.67
N LYS A 75 30.37 -16.63 2.92
CA LYS A 75 31.18 -17.41 1.96
C LYS A 75 32.17 -18.38 2.62
N GLU A 76 32.38 -18.28 3.93
CA GLU A 76 33.17 -19.28 4.66
C GLU A 76 32.43 -19.97 5.80
N GLY A 77 31.27 -19.45 6.22
CA GLY A 77 30.47 -20.10 7.25
C GLY A 77 29.57 -19.19 8.06
N LEU A 78 29.01 -19.76 9.12
CA LEU A 78 28.17 -19.03 10.05
C LEU A 78 28.84 -18.96 11.42
N GLN A 79 28.95 -17.75 11.98
CA GLN A 79 29.57 -17.53 13.29
C GLN A 79 28.54 -17.62 14.45
N GLY A 80 27.45 -16.86 14.40
CA GLY A 80 26.38 -17.00 15.39
C GLY A 80 24.96 -16.63 14.93
N GLN A 81 24.71 -16.73 13.62
CA GLN A 81 23.52 -16.15 12.97
C GLN A 81 22.16 -16.75 13.37
N ASN A 82 21.09 -16.01 13.04
CA ASN A 82 19.73 -16.57 13.06
C ASN A 82 19.39 -17.16 11.71
N VAL A 83 18.60 -18.23 11.72
CA VAL A 83 18.15 -18.87 10.49
C VAL A 83 16.65 -19.11 10.53
N PHE A 84 15.90 -18.45 9.64
CA PHE A 84 14.53 -18.83 9.39
C PHE A 84 14.57 -20.05 8.49
N VAL A 85 13.79 -21.06 8.86
CA VAL A 85 13.83 -22.33 8.15
C VAL A 85 12.43 -22.74 7.72
N VAL A 86 12.35 -23.14 6.45
CA VAL A 86 11.16 -23.78 5.88
C VAL A 86 11.65 -25.06 5.22
N GLN A 87 11.02 -26.19 5.58
CA GLN A 87 11.47 -27.49 5.09
C GLN A 87 11.19 -27.66 3.59
N GLU A 88 12.25 -27.71 2.79
CA GLU A 88 12.13 -28.00 1.36
C GLU A 88 12.00 -29.50 1.11
N LEU A 89 12.83 -30.28 1.81
CA LEU A 89 12.93 -31.73 1.64
C LEU A 89 13.81 -32.37 2.71
N ILE A 90 13.70 -33.68 2.83
CA ILE A 90 14.65 -34.47 3.57
C ILE A 90 15.51 -35.13 2.49
N ASP A 91 16.81 -34.83 2.47
CA ASP A 91 17.73 -35.36 1.47
C ASP A 91 18.01 -36.84 1.77
N PRO A 92 18.73 -37.54 0.90
CA PRO A 92 18.90 -38.99 1.03
C PRO A 92 19.46 -39.46 2.38
N ASN A 93 20.39 -38.70 2.95
CA ASN A 93 20.99 -38.98 4.27
C ASN A 93 20.11 -38.62 5.48
N GLY A 94 18.99 -37.95 5.26
CA GLY A 94 18.03 -37.71 6.33
C GLY A 94 17.97 -36.30 6.86
N ARG A 95 18.69 -35.37 6.22
CA ARG A 95 18.77 -33.98 6.66
C ARG A 95 17.61 -33.08 6.21
N LEU A 96 17.08 -32.31 7.16
CA LEU A 96 16.20 -31.19 6.88
C LEU A 96 16.97 -30.10 6.10
N SER A 97 16.80 -30.09 4.78
CA SER A 97 17.39 -29.06 3.94
C SER A 97 16.48 -27.83 3.86
N THR A 98 17.11 -26.66 3.78
CA THR A 98 16.42 -25.39 3.80
C THR A 98 17.33 -24.35 3.16
N VAL A 99 16.73 -23.38 2.49
CA VAL A 99 17.47 -22.41 1.68
C VAL A 99 17.30 -21.02 2.24
N GLY A 100 18.42 -20.31 2.39
CA GLY A 100 18.43 -18.93 2.84
C GLY A 100 17.97 -18.73 4.26
N GLY A 101 17.45 -17.53 4.52
CA GLY A 101 16.86 -17.18 5.79
C GLY A 101 17.87 -16.77 6.85
N VAL A 102 19.07 -16.38 6.41
CA VAL A 102 20.11 -16.01 7.36
C VAL A 102 20.06 -14.50 7.68
N THR A 103 19.93 -14.20 8.97
CA THR A 103 20.07 -12.83 9.49
C THR A 103 21.23 -12.76 10.50
N LYS A 104 21.55 -11.53 10.91
CA LYS A 104 22.81 -11.22 11.59
C LYS A 104 23.10 -11.82 12.98
N LYS A 105 22.20 -11.62 13.93
CA LYS A 105 22.53 -11.50 15.39
C LYS A 105 23.99 -11.17 15.72
N ASN A 106 24.27 -9.97 16.27
CA ASN A 106 23.27 -9.08 16.94
C ASN A 106 22.13 -8.49 16.10
N ASN A 107 20.91 -8.99 16.33
CA ASN A 107 19.74 -8.66 15.53
C ASN A 107 18.60 -8.35 16.49
N LYS A 108 18.43 -7.05 16.78
CA LYS A 108 17.54 -6.60 17.84
C LYS A 108 16.15 -7.16 17.72
N THR A 109 15.50 -7.35 18.86
CA THR A 109 14.08 -7.69 18.88
C THR A 109 13.26 -6.42 18.72
N SER A 110 13.78 -5.47 17.91
CA SER A 110 13.00 -4.36 17.37
C SER A 110 11.71 -4.91 16.76
N GLU A 111 10.74 -4.03 16.56
CA GLU A 111 9.39 -4.48 16.19
C GLU A 111 8.61 -3.36 15.54
N THR A 112 8.04 -3.65 14.36
CA THR A 112 7.35 -2.64 13.58
C THR A 112 6.09 -3.20 12.91
N ASN A 113 4.96 -2.53 13.14
CA ASN A 113 3.70 -2.87 12.49
C ASN A 113 3.63 -2.08 11.20
N THR A 114 3.39 -2.74 10.07
CA THR A 114 3.48 -2.08 8.77
C THR A 114 2.24 -2.28 7.93
N PRO A 115 1.74 -1.23 7.31
CA PRO A 115 0.48 -1.33 6.57
C PRO A 115 0.50 -2.43 5.51
N LEU A 116 -0.59 -3.19 5.46
CA LEU A 116 -0.77 -4.25 4.50
C LEU A 116 -2.02 -3.96 3.71
N PHE A 117 -1.94 -4.11 2.39
CA PHE A 117 -3.09 -4.02 1.52
C PHE A 117 -3.21 -5.33 0.75
N VAL A 118 -4.43 -5.82 0.63
CA VAL A 118 -4.72 -6.93 -0.25
C VAL A 118 -5.79 -6.46 -1.23
N ASN A 119 -5.44 -6.51 -2.51
CA ASN A 119 -6.31 -6.02 -3.56
C ASN A 119 -6.62 -7.21 -4.45
N LYS A 120 -7.88 -7.62 -4.45
CA LYS A 120 -8.31 -8.88 -5.06
C LYS A 120 -9.12 -8.59 -6.32
N VAL A 121 -8.42 -8.44 -7.43
CA VAL A 121 -9.05 -8.23 -8.73
C VAL A 121 -9.65 -9.54 -9.24
N ASN A 122 -10.87 -9.45 -9.76
CA ASN A 122 -11.59 -10.62 -10.28
C ASN A 122 -12.31 -10.20 -11.56
N GLY A 123 -11.54 -10.11 -12.64
CA GLY A 123 -12.05 -9.60 -13.90
C GLY A 123 -12.21 -8.10 -13.83
N GLU A 124 -13.42 -7.66 -13.46
CA GLU A 124 -13.81 -6.25 -13.35
C GLU A 124 -14.10 -5.78 -11.90
N ASP A 125 -14.32 -6.73 -10.98
CA ASP A 125 -14.52 -6.39 -9.57
C ASP A 125 -13.19 -6.18 -8.86
N LEU A 126 -13.25 -5.64 -7.65
CA LEU A 126 -12.07 -5.38 -6.87
C LEU A 126 -12.43 -5.38 -5.39
N ASP A 127 -11.98 -6.39 -4.66
CA ASP A 127 -12.23 -6.45 -3.24
C ASP A 127 -10.94 -6.10 -2.54
N ALA A 128 -10.86 -4.84 -2.15
CA ALA A 128 -9.70 -4.33 -1.47
C ALA A 128 -9.87 -4.41 0.06
N SER A 129 -8.79 -4.78 0.75
CA SER A 129 -8.82 -4.95 2.18
C SER A 129 -7.55 -4.36 2.76
N ILE A 130 -7.63 -3.90 3.99
CA ILE A 130 -6.49 -3.33 4.68
C ILE A 130 -6.23 -4.16 5.93
N ASP A 131 -4.96 -4.36 6.22
CA ASP A 131 -4.50 -5.10 7.38
C ASP A 131 -3.19 -4.45 7.83
N SER A 132 -2.46 -5.16 8.70
CA SER A 132 -1.08 -4.83 8.95
C SER A 132 -0.25 -6.11 9.09
N PHE A 133 1.06 -5.93 9.06
CA PHE A 133 1.98 -7.04 9.08
C PHE A 133 3.03 -6.72 10.12
N LEU A 134 3.17 -7.62 11.08
CA LEU A 134 4.05 -7.42 12.23
C LEU A 134 5.41 -8.08 11.99
N ILE A 135 6.38 -7.30 11.52
CA ILE A 135 7.78 -7.75 11.56
C ILE A 135 8.24 -7.67 13.03
N GLN A 136 9.03 -8.66 13.46
CA GLN A 136 9.43 -8.78 14.86
C GLN A 136 10.92 -8.59 15.10
N LYS A 137 11.69 -8.19 14.08
CA LYS A 137 13.15 -8.00 14.18
C LYS A 137 13.65 -6.73 13.48
N GLU A 138 14.89 -6.34 13.77
CA GLU A 138 15.52 -5.22 13.07
C GLU A 138 15.89 -5.61 11.64
N GLU A 139 16.26 -6.87 11.46
CA GLU A 139 16.63 -7.40 10.14
C GLU A 139 15.85 -8.69 9.88
N ILE A 140 15.28 -8.78 8.69
CA ILE A 140 14.43 -9.91 8.29
C ILE A 140 14.77 -10.35 6.88
N SER A 141 14.99 -11.64 6.70
CA SER A 141 15.31 -12.18 5.37
C SER A 141 14.09 -12.15 4.47
N LEU A 142 14.32 -11.90 3.19
CA LEU A 142 13.24 -11.91 2.22
C LEU A 142 12.52 -13.25 2.22
N LYS A 143 13.23 -14.32 2.57
CA LYS A 143 12.63 -15.64 2.78
C LYS A 143 11.52 -15.56 3.82
N GLU A 144 11.84 -15.03 5.00
CA GLU A 144 10.88 -14.99 6.12
C GLU A 144 9.77 -14.01 5.82
N LEU A 145 10.13 -12.86 5.25
CA LEU A 145 9.13 -11.88 4.86
C LEU A 145 8.10 -12.52 3.94
N ASP A 146 8.60 -13.12 2.86
CA ASP A 146 7.80 -13.83 1.87
C ASP A 146 6.93 -14.93 2.46
N PHE A 147 7.48 -15.70 3.40
CA PHE A 147 6.73 -16.82 3.99
C PHE A 147 5.60 -16.32 4.88
N LYS A 148 5.94 -15.44 5.81
CA LYS A 148 4.97 -14.92 6.76
C LYS A 148 3.83 -14.16 6.03
N ILE A 149 4.18 -13.40 5.01
CA ILE A 149 3.19 -12.63 4.25
C ILE A 149 2.23 -13.58 3.57
N ARG A 150 2.75 -14.59 2.89
CA ARG A 150 1.88 -15.52 2.14
C ARG A 150 1.09 -16.44 3.06
N GLN A 151 1.68 -16.83 4.17
CA GLN A 151 0.96 -17.58 5.20
C GLN A 151 -0.26 -16.76 5.71
N GLN A 152 -0.09 -15.44 5.81
CA GLN A 152 -1.20 -14.58 6.23
C GLN A 152 -2.24 -14.49 5.12
N LEU A 153 -1.78 -14.44 3.88
CA LEU A 153 -2.70 -14.39 2.74
C LEU A 153 -3.47 -15.69 2.62
N VAL A 154 -2.78 -16.81 2.81
CA VAL A 154 -3.41 -18.13 2.76
C VAL A 154 -4.49 -18.26 3.83
N ASN A 155 -4.16 -17.89 5.07
CA ASN A 155 -5.06 -18.02 6.20
C ASN A 155 -6.25 -17.07 6.18
N ASN A 156 -6.05 -15.82 5.74
CA ASN A 156 -7.11 -14.79 5.80
C ASN A 156 -7.62 -14.21 4.48
N TYR A 157 -6.99 -14.50 3.36
CA TYR A 157 -7.47 -13.98 2.07
C TYR A 157 -7.66 -15.07 1.02
N GLY A 158 -7.73 -16.32 1.47
CA GLY A 158 -8.01 -17.43 0.60
C GLY A 158 -7.02 -17.61 -0.54
N LEU A 159 -5.77 -17.22 -0.30
CA LEU A 159 -4.70 -17.37 -1.28
C LEU A 159 -4.43 -18.85 -1.46
N TYR A 160 -4.12 -19.21 -2.71
CA TYR A 160 -3.94 -20.59 -3.15
C TYR A 160 -5.16 -21.48 -2.83
N LYS A 161 -6.34 -20.95 -3.15
CA LYS A 161 -7.60 -21.66 -2.96
C LYS A 161 -8.57 -21.16 -4.01
N GLY A 162 -9.25 -22.06 -4.69
CA GLY A 162 -10.11 -21.68 -5.79
C GLY A 162 -9.34 -20.97 -6.88
N THR A 163 -9.62 -19.67 -7.05
CA THR A 163 -9.09 -18.90 -8.18
C THR A 163 -8.02 -17.87 -7.76
N SER A 164 -7.63 -17.87 -6.49
CA SER A 164 -6.61 -16.96 -5.98
C SER A 164 -5.22 -17.63 -5.99
N LYS A 165 -4.37 -17.21 -6.92
CA LYS A 165 -3.05 -17.81 -7.07
C LYS A 165 -2.03 -16.81 -7.67
N TYR A 166 -2.34 -16.23 -8.82
CA TYR A 166 -1.46 -15.24 -9.45
C TYR A 166 -1.64 -13.87 -8.80
N GLY A 167 -0.66 -13.00 -9.03
CA GLY A 167 -0.62 -11.69 -8.39
C GLY A 167 0.77 -11.35 -7.92
N LYS A 168 0.91 -10.22 -7.21
CA LYS A 168 2.22 -9.84 -6.68
C LYS A 168 2.17 -9.30 -5.25
N ILE A 169 3.21 -9.60 -4.47
CA ILE A 169 3.50 -8.90 -3.23
C ILE A 169 4.50 -7.80 -3.56
N ILE A 170 4.18 -6.56 -3.19
CA ILE A 170 5.04 -5.42 -3.51
C ILE A 170 5.44 -4.72 -2.23
N ILE A 171 6.75 -4.56 -2.04
CA ILE A 171 7.29 -4.00 -0.81
C ILE A 171 8.04 -2.72 -1.11
N ASN A 172 7.65 -1.65 -0.43
CA ASN A 172 8.27 -0.33 -0.56
C ASN A 172 9.29 -0.17 0.57
N LEU A 173 10.59 -0.12 0.24
CA LEU A 173 11.66 0.23 1.17
C LEU A 173 12.01 1.71 1.06
N LYS A 174 12.30 2.34 2.20
CA LYS A 174 12.47 3.81 2.34
C LYS A 174 12.11 4.69 1.14
N ASP A 175 10.91 4.49 0.62
CA ASP A 175 10.32 5.29 -0.48
C ASP A 175 11.10 5.42 -1.80
N GLU A 176 11.96 4.46 -2.10
CA GLU A 176 12.87 4.58 -3.26
C GLU A 176 13.09 3.26 -4.01
N ASN A 177 13.36 2.18 -3.28
CA ASN A 177 13.49 0.84 -3.88
C ASN A 177 12.19 0.04 -3.75
N LYS A 178 12.05 -0.95 -4.64
CA LYS A 178 10.86 -1.82 -4.69
C LYS A 178 11.29 -3.27 -4.67
N VAL A 179 10.44 -4.13 -4.11
CA VAL A 179 10.67 -5.57 -4.07
C VAL A 179 9.41 -6.23 -4.57
N GLU A 180 9.44 -6.80 -5.77
CA GLU A 180 8.29 -7.52 -6.31
C GLU A 180 8.46 -8.99 -5.99
N ILE A 181 7.36 -9.70 -5.77
CA ILE A 181 7.38 -11.16 -5.61
C ILE A 181 6.17 -11.71 -6.36
N ASP A 182 6.40 -12.51 -7.39
CA ASP A 182 5.29 -13.13 -8.14
C ASP A 182 4.71 -14.23 -7.27
N LEU A 183 3.40 -14.19 -7.04
CA LEU A 183 2.68 -15.20 -6.24
C LEU A 183 2.43 -16.50 -6.97
N GLY A 184 2.62 -16.48 -8.28
CA GLY A 184 2.39 -17.64 -9.13
C GLY A 184 3.33 -18.79 -8.89
N ASP A 185 4.52 -18.51 -8.37
CA ASP A 185 5.42 -19.57 -7.95
C ASP A 185 6.16 -19.24 -6.68
N LYS A 186 6.85 -20.24 -6.15
CA LYS A 186 7.66 -20.10 -4.94
C LYS A 186 8.67 -18.99 -5.15
N LEU A 187 9.05 -18.32 -4.07
CA LEU A 187 10.12 -17.35 -4.13
C LEU A 187 11.32 -18.10 -4.67
N GLN A 188 12.03 -17.48 -5.61
CA GLN A 188 13.20 -18.10 -6.20
C GLN A 188 14.25 -18.35 -5.14
N PHE A 189 14.93 -19.48 -5.26
CA PHE A 189 15.94 -19.89 -4.29
C PHE A 189 17.07 -18.88 -4.18
N GLU A 190 17.43 -18.25 -5.30
CA GLU A 190 18.52 -17.29 -5.36
C GLU A 190 18.29 -16.11 -4.41
N ARG A 191 17.07 -15.61 -4.34
CA ARG A 191 16.82 -14.40 -3.55
C ARG A 191 16.32 -14.69 -2.12
N MET A 192 16.49 -15.91 -1.65
CA MET A 192 16.11 -16.25 -0.28
C MET A 192 17.12 -15.69 0.71
N GLY A 193 18.37 -15.55 0.26
CA GLY A 193 19.43 -14.96 1.06
C GLY A 193 19.35 -13.45 1.25
N ASP A 194 18.50 -12.76 0.49
CA ASP A 194 18.34 -11.30 0.63
C ASP A 194 17.90 -10.92 2.05
N VAL A 195 18.34 -9.76 2.52
CA VAL A 195 17.91 -9.26 3.83
C VAL A 195 17.48 -7.81 3.75
N LEU A 196 16.50 -7.48 4.59
CA LEU A 196 15.85 -6.18 4.60
C LEU A 196 15.94 -5.60 6.00
N ASN A 197 16.11 -4.29 6.10
CA ASN A 197 15.93 -3.60 7.36
C ASN A 197 14.47 -3.31 7.57
N SER A 198 13.90 -3.96 8.57
CA SER A 198 12.51 -3.78 8.95
C SER A 198 12.08 -2.30 8.95
N LYS A 199 12.80 -1.48 9.70
CA LYS A 199 12.59 -0.03 9.72
C LYS A 199 12.23 0.51 8.33
N ASP A 200 13.01 0.13 7.33
CA ASP A 200 12.87 0.71 5.98
C ASP A 200 11.56 0.33 5.25
N ILE A 201 10.96 -0.79 5.63
CA ILE A 201 9.71 -1.25 5.04
C ILE A 201 8.53 -0.35 5.43
N ARG A 202 8.03 0.37 4.43
CA ARG A 202 7.00 1.38 4.61
C ARG A 202 5.62 0.77 4.49
N GLY A 203 5.49 -0.19 3.59
CA GLY A 203 4.24 -0.91 3.46
C GLY A 203 4.30 -2.06 2.50
N ILE A 204 3.20 -2.79 2.43
CA ILE A 204 3.08 -3.97 1.61
C ILE A 204 1.74 -3.94 0.91
N SER A 205 1.76 -4.05 -0.41
CA SER A 205 0.55 -4.11 -1.19
C SER A 205 0.58 -5.35 -2.03
N VAL A 206 -0.34 -6.25 -1.74
CA VAL A 206 -0.50 -7.48 -2.51
C VAL A 206 -1.68 -7.31 -3.43
N THR A 207 -1.57 -7.83 -4.64
CA THR A 207 -2.66 -7.79 -5.59
C THR A 207 -2.80 -9.16 -6.20
N ILE A 208 -3.80 -9.91 -5.75
CA ILE A 208 -4.13 -11.20 -6.30
C ILE A 208 -5.02 -10.97 -7.52
N ASN A 209 -4.57 -11.42 -8.69
CA ASN A 209 -5.26 -11.27 -9.96
C ASN A 209 -5.94 -12.59 -10.34
N GLN A 210 -7.24 -12.70 -10.08
CA GLN A 210 -7.95 -13.99 -10.10
C GLN A 210 -8.26 -14.57 -11.48
N ILE A 211 -8.15 -15.90 -11.55
CA ILE A 211 -8.45 -16.66 -12.77
C ILE A 211 -9.92 -16.56 -13.14
N HIS B 23 -19.90 8.21 -16.73
CA HIS B 23 -18.86 9.29 -16.78
C HIS B 23 -17.71 8.99 -17.76
N ASP B 24 -17.35 10.00 -18.52
CA ASP B 24 -16.34 9.91 -19.58
C ASP B 24 -14.93 10.09 -19.01
N ILE B 25 -13.98 9.37 -19.60
CA ILE B 25 -12.58 9.39 -19.17
C ILE B 25 -11.86 10.72 -19.45
N ARG B 26 -12.31 11.45 -20.47
CA ARG B 26 -11.68 12.73 -20.82
C ARG B 26 -12.14 13.84 -19.90
N ASP B 27 -13.36 13.70 -19.37
CA ASP B 27 -13.91 14.66 -18.43
C ASP B 27 -13.26 14.49 -17.05
N LEU B 28 -13.07 13.24 -16.64
CA LEU B 28 -12.34 12.87 -15.43
C LEU B 28 -10.90 13.32 -15.55
N HIS B 29 -10.34 13.16 -16.74
CA HIS B 29 -8.99 13.61 -17.02
C HIS B 29 -8.94 15.11 -16.79
N ARG B 30 -9.84 15.84 -17.43
CA ARG B 30 -9.85 17.30 -17.30
C ARG B 30 -9.99 17.70 -15.84
N TYR B 31 -11.02 17.20 -15.17
CA TYR B 31 -11.36 17.64 -13.84
C TYR B 31 -10.21 17.45 -12.89
N TYR B 32 -9.69 16.23 -12.85
CA TYR B 32 -8.56 15.85 -12.01
C TYR B 32 -7.20 16.29 -12.57
N SER B 33 -7.20 17.00 -13.70
CA SER B 33 -6.02 17.68 -14.24
C SER B 33 -6.04 19.17 -13.91
N SER B 34 -7.12 19.62 -13.27
CA SER B 34 -7.41 21.05 -13.14
C SER B 34 -6.66 21.69 -11.98
N GLU B 35 -6.69 23.02 -11.92
CA GLU B 35 -5.98 23.80 -10.90
C GLU B 35 -6.76 23.82 -9.59
N SER B 36 -6.07 23.58 -8.47
CA SER B 36 -6.71 23.65 -7.16
C SER B 36 -6.21 24.90 -6.44
N PHE B 37 -7.01 25.33 -5.48
CA PHE B 37 -6.66 26.43 -4.59
C PHE B 37 -6.93 25.98 -3.17
N GLU B 38 -6.25 26.57 -2.19
CA GLU B 38 -6.60 26.37 -0.80
C GLU B 38 -6.53 27.72 -0.14
N TYR B 39 -7.69 28.25 0.22
CA TYR B 39 -7.77 29.59 0.80
C TYR B 39 -7.79 29.54 2.33
N SER B 40 -7.12 30.53 2.93
CA SER B 40 -7.06 30.68 4.37
C SER B 40 -8.16 31.61 4.85
N ASN B 41 -8.49 31.49 6.14
CA ASN B 41 -9.26 32.53 6.84
C ASN B 41 -10.62 32.82 6.21
N VAL B 42 -11.23 31.79 5.64
CA VAL B 42 -12.50 31.94 4.95
C VAL B 42 -13.62 32.12 5.98
N SER B 43 -14.47 33.14 5.74
CA SER B 43 -15.62 33.44 6.61
C SER B 43 -16.89 33.82 5.82
N GLY B 44 -18.04 33.45 6.36
CA GLY B 44 -19.32 33.75 5.73
C GLY B 44 -20.50 33.03 6.38
N LYS B 45 -21.70 33.60 6.22
CA LYS B 45 -22.92 33.00 6.75
C LYS B 45 -23.55 32.08 5.71
N VAL B 46 -24.31 31.10 6.18
CA VAL B 46 -24.92 30.09 5.31
C VAL B 46 -26.25 30.62 4.72
N GLU B 47 -26.66 30.13 3.54
CA GLU B 47 -27.83 30.69 2.82
C GLU B 47 -28.40 29.89 1.61
N ASN B 48 -29.69 30.12 1.35
CA ASN B 48 -30.40 29.93 0.06
C ASN B 48 -30.03 28.85 -0.98
N TYR B 49 -29.14 29.22 -1.92
CA TYR B 49 -29.14 28.73 -3.33
C TYR B 49 -29.90 27.43 -3.67
N ASN B 50 -30.92 27.58 -4.52
CA ASN B 50 -31.89 26.53 -4.86
C ASN B 50 -31.67 25.17 -4.18
N GLY B 51 -32.26 25.01 -2.99
CA GLY B 51 -32.21 23.78 -2.24
C GLY B 51 -31.07 23.76 -1.25
N SER B 52 -29.85 23.67 -1.77
CA SER B 52 -28.66 23.41 -0.97
C SER B 52 -28.16 24.62 -0.20
N ASN B 53 -27.56 24.38 0.96
CA ASN B 53 -26.91 25.44 1.73
C ASN B 53 -25.64 25.86 0.99
N VAL B 54 -25.32 27.15 1.01
CA VAL B 54 -24.03 27.64 0.52
C VAL B 54 -23.45 28.69 1.48
N VAL B 55 -22.20 29.05 1.25
CA VAL B 55 -21.54 30.14 1.98
C VAL B 55 -20.75 30.95 0.98
N ARG B 56 -21.25 32.13 0.64
CA ARG B 56 -20.52 33.02 -0.27
C ARG B 56 -19.35 33.66 0.46
N PHE B 57 -18.16 33.50 -0.09
CA PHE B 57 -16.98 34.24 0.34
C PHE B 57 -16.27 34.78 -0.88
N ASN B 58 -15.12 35.42 -0.67
CA ASN B 58 -14.35 35.98 -1.79
C ASN B 58 -13.03 36.57 -1.32
N PRO B 59 -11.91 35.98 -1.71
CA PRO B 59 -10.63 36.69 -1.66
C PRO B 59 -10.53 37.64 -2.86
N LYS B 60 -9.46 38.43 -2.95
CA LYS B 60 -9.34 39.46 -3.99
C LYS B 60 -9.87 39.05 -5.38
N ASP B 61 -10.93 39.73 -5.84
CA ASP B 61 -11.31 39.80 -7.27
C ASP B 61 -12.05 38.60 -7.89
N GLN B 62 -12.42 37.59 -7.09
CA GLN B 62 -13.15 36.42 -7.63
C GLN B 62 -14.13 35.81 -6.60
N ASN B 63 -15.43 36.04 -6.82
CA ASN B 63 -16.47 35.65 -5.88
C ASN B 63 -16.75 34.14 -5.86
N HIS B 64 -16.52 33.49 -4.71
CA HIS B 64 -16.75 32.05 -4.56
C HIS B 64 -18.10 31.72 -3.90
N GLN B 65 -18.51 30.45 -4.04
CA GLN B 65 -19.77 29.93 -3.47
C GLN B 65 -19.55 28.49 -3.04
N LEU B 66 -19.54 28.24 -1.73
CA LEU B 66 -19.20 26.93 -1.18
C LEU B 66 -20.43 26.11 -0.74
N PHE B 67 -20.77 25.10 -1.54
CA PHE B 67 -21.89 24.22 -1.24
C PHE B 67 -21.55 23.32 -0.08
N LEU B 68 -22.36 23.36 0.98
CA LEU B 68 -22.21 22.46 2.11
C LEU B 68 -23.32 21.41 2.05
N LEU B 69 -23.05 20.32 1.34
CA LEU B 69 -24.08 19.30 1.11
C LEU B 69 -23.60 17.89 1.50
N GLY B 70 -23.16 17.76 2.75
CA GLY B 70 -22.75 16.47 3.29
C GLY B 70 -22.61 16.47 4.81
N LYS B 71 -21.47 15.97 5.30
CA LYS B 71 -21.19 15.96 6.73
C LYS B 71 -20.95 17.37 7.22
N ASP B 72 -20.49 18.22 6.31
CA ASP B 72 -20.31 19.65 6.60
C ASP B 72 -21.60 20.46 6.59
N LYS B 73 -22.69 19.89 6.04
CA LYS B 73 -24.01 20.50 6.19
C LYS B 73 -24.37 20.64 7.66
N GLU B 74 -24.17 19.57 8.43
CA GLU B 74 -24.46 19.57 9.87
C GLU B 74 -23.40 20.36 10.63
N GLN B 75 -22.15 19.88 10.60
CA GLN B 75 -21.03 20.53 11.30
C GLN B 75 -21.00 22.07 11.19
N TYR B 76 -21.23 22.60 9.99
CA TYR B 76 -21.08 24.03 9.73
C TYR B 76 -22.42 24.68 9.34
N LYS B 77 -23.47 24.41 10.11
CA LYS B 77 -24.82 24.92 9.81
C LYS B 77 -25.03 26.38 10.23
N GLU B 78 -24.04 26.98 10.89
CA GLU B 78 -24.08 28.41 11.22
C GLU B 78 -22.98 29.16 10.47
N GLY B 79 -22.49 28.55 9.39
CA GLY B 79 -21.57 29.21 8.49
C GLY B 79 -20.11 28.90 8.78
N LEU B 80 -19.24 29.87 8.52
CA LEU B 80 -17.81 29.65 8.50
C LEU B 80 -17.06 30.73 9.29
N GLN B 81 -16.42 30.32 10.37
CA GLN B 81 -15.57 31.23 11.14
C GLN B 81 -14.27 31.50 10.36
N GLY B 82 -13.14 30.90 10.74
CA GLY B 82 -11.88 31.20 10.07
C GLY B 82 -11.21 30.04 9.32
N GLN B 83 -11.97 28.99 9.03
CA GLN B 83 -11.34 27.75 8.54
C GLN B 83 -10.87 27.84 7.10
N ASN B 84 -10.04 26.86 6.72
CA ASN B 84 -9.47 26.76 5.39
C ASN B 84 -10.40 25.99 4.46
N VAL B 85 -10.30 26.24 3.16
CA VAL B 85 -11.23 25.65 2.20
C VAL B 85 -10.50 25.24 0.94
N PHE B 86 -10.35 23.93 0.73
CA PHE B 86 -9.81 23.39 -0.51
C PHE B 86 -10.82 23.56 -1.64
N VAL B 87 -10.41 24.23 -2.71
CA VAL B 87 -11.31 24.59 -3.80
C VAL B 87 -10.97 23.88 -5.09
N VAL B 88 -12.01 23.33 -5.72
CA VAL B 88 -11.96 22.90 -7.10
C VAL B 88 -13.23 23.43 -7.77
N GLN B 89 -13.02 24.21 -8.81
CA GLN B 89 -14.09 24.71 -9.66
C GLN B 89 -14.89 23.54 -10.25
N GLU B 90 -16.18 23.48 -9.89
CA GLU B 90 -17.14 22.57 -10.52
C GLU B 90 -17.72 23.29 -11.75
N LEU B 91 -18.14 24.53 -11.53
CA LEU B 91 -18.68 25.38 -12.59
C LEU B 91 -18.55 26.84 -12.19
N ILE B 92 -18.87 27.72 -13.13
CA ILE B 92 -19.15 29.13 -12.80
C ILE B 92 -20.66 29.32 -12.94
N ASP B 93 -21.32 29.56 -11.82
CA ASP B 93 -22.79 29.60 -11.77
C ASP B 93 -23.36 30.80 -12.58
N PRO B 94 -24.67 30.86 -12.80
CA PRO B 94 -25.29 31.91 -13.62
C PRO B 94 -24.87 33.34 -13.27
N ASN B 95 -24.62 33.57 -11.98
CA ASN B 95 -24.26 34.89 -11.49
C ASN B 95 -22.77 35.22 -11.51
N GLY B 96 -21.94 34.27 -11.94
CA GLY B 96 -20.50 34.51 -12.09
C GLY B 96 -19.64 33.91 -10.98
N ARG B 97 -20.27 33.40 -9.93
CA ARG B 97 -19.56 32.83 -8.79
C ARG B 97 -18.99 31.43 -9.09
N LEU B 98 -17.70 31.26 -8.80
CA LEU B 98 -17.03 29.98 -8.98
C LEU B 98 -17.49 29.04 -7.87
N SER B 99 -18.29 28.04 -8.24
CA SER B 99 -18.90 27.10 -7.30
C SER B 99 -17.97 25.94 -6.94
N THR B 100 -18.10 25.46 -5.70
CA THR B 100 -17.21 24.45 -5.17
C THR B 100 -17.91 23.73 -4.02
N VAL B 101 -17.69 22.43 -3.94
CA VAL B 101 -18.35 21.59 -2.95
C VAL B 101 -17.35 21.12 -1.91
N GLY B 102 -17.74 21.19 -0.64
CA GLY B 102 -16.97 20.62 0.45
C GLY B 102 -15.59 21.22 0.61
N GLY B 103 -14.70 20.43 1.20
CA GLY B 103 -13.29 20.78 1.27
C GLY B 103 -12.88 21.62 2.46
N VAL B 104 -13.70 21.69 3.49
CA VAL B 104 -13.43 22.53 4.65
C VAL B 104 -12.61 21.79 5.73
N THR B 105 -11.45 22.36 6.07
CA THR B 105 -10.58 21.90 7.15
C THR B 105 -10.57 22.94 8.29
N LYS B 106 -9.84 22.68 9.37
CA LYS B 106 -10.18 23.24 10.68
C LYS B 106 -9.79 24.69 11.02
N LYS B 107 -8.63 25.18 10.59
CA LYS B 107 -8.18 26.57 10.91
C LYS B 107 -6.67 26.66 11.20
N ASN B 108 -6.25 26.10 12.32
CA ASN B 108 -4.84 25.90 12.63
C ASN B 108 -4.70 24.55 13.36
N ASN B 109 -4.53 23.43 12.65
CA ASN B 109 -4.17 23.29 11.22
C ASN B 109 -2.78 23.82 10.87
N LYS B 110 -1.83 23.41 11.72
CA LYS B 110 -0.42 23.72 11.59
C LYS B 110 0.17 23.01 10.38
N THR B 111 1.41 23.37 10.08
CA THR B 111 2.22 22.65 9.12
C THR B 111 2.99 21.57 9.89
N SER B 112 2.30 20.45 10.13
CA SER B 112 2.95 19.21 10.53
C SER B 112 2.97 18.34 9.28
N GLU B 113 4.16 17.88 8.90
CA GLU B 113 4.38 17.25 7.59
C GLU B 113 4.45 15.73 7.74
N THR B 114 3.56 15.05 7.04
CA THR B 114 3.58 13.59 6.99
C THR B 114 3.91 13.15 5.56
N ASN B 115 4.84 12.22 5.42
CA ASN B 115 5.01 11.49 4.17
C ASN B 115 4.36 10.12 4.34
N THR B 116 3.71 9.64 3.28
CA THR B 116 2.89 8.46 3.39
C THR B 116 2.90 7.69 2.09
N PRO B 117 3.17 6.40 2.21
CA PRO B 117 3.52 5.57 1.05
C PRO B 117 2.36 5.40 0.11
N LEU B 118 2.68 5.29 -1.17
CA LEU B 118 1.68 5.14 -2.19
C LEU B 118 2.04 3.95 -3.10
N PHE B 119 1.14 2.99 -3.18
CA PHE B 119 1.31 1.84 -4.07
C PHE B 119 0.33 1.99 -5.22
N VAL B 120 0.83 1.94 -6.45
CA VAL B 120 -0.02 1.91 -7.64
C VAL B 120 0.07 0.55 -8.31
N ASN B 121 -1.07 -0.09 -8.56
CA ASN B 121 -1.11 -1.39 -9.22
C ASN B 121 -1.97 -1.34 -10.47
N LYS B 122 -1.34 -1.58 -11.62
CA LYS B 122 -2.02 -1.57 -12.91
C LYS B 122 -2.26 -3.01 -13.35
N VAL B 123 -3.53 -3.44 -13.29
CA VAL B 123 -3.95 -4.77 -13.73
C VAL B 123 -4.43 -4.72 -15.18
N ASN B 124 -3.60 -5.18 -16.11
CA ASN B 124 -3.98 -5.30 -17.52
C ASN B 124 -4.19 -6.77 -17.93
N GLY B 125 -5.39 -7.28 -17.65
CA GLY B 125 -5.75 -8.65 -17.98
C GLY B 125 -5.09 -9.64 -17.05
N GLU B 126 -4.07 -10.33 -17.57
CA GLU B 126 -3.24 -11.25 -16.79
C GLU B 126 -1.95 -10.58 -16.28
N ASP B 127 -1.67 -9.37 -16.76
CA ASP B 127 -0.46 -8.65 -16.41
C ASP B 127 -0.73 -7.70 -15.25
N LEU B 128 0.32 -7.41 -14.49
CA LEU B 128 0.20 -6.63 -13.26
C LEU B 128 1.47 -5.83 -13.05
N ASP B 129 1.35 -4.51 -13.20
CA ASP B 129 2.48 -3.62 -13.07
C ASP B 129 2.32 -2.71 -11.85
N ALA B 130 3.14 -2.95 -10.85
CA ALA B 130 3.03 -2.24 -9.58
C ALA B 130 4.19 -1.31 -9.38
N SER B 131 3.88 -0.07 -9.02
CA SER B 131 4.90 0.91 -8.66
C SER B 131 4.79 1.29 -7.19
N ILE B 132 5.87 1.82 -6.65
CA ILE B 132 5.87 2.39 -5.30
C ILE B 132 6.24 3.84 -5.37
N ASP B 133 5.71 4.61 -4.43
CA ASP B 133 5.80 6.06 -4.48
C ASP B 133 5.54 6.61 -3.09
N SER B 134 5.58 7.93 -2.98
CA SER B 134 5.32 8.60 -1.72
C SER B 134 4.31 9.72 -1.96
N PHE B 135 3.58 10.05 -0.90
CA PHE B 135 2.58 11.08 -0.95
C PHE B 135 2.86 12.09 0.16
N LEU B 136 3.03 13.36 -0.23
CA LEU B 136 3.41 14.42 0.70
C LEU B 136 2.16 15.19 1.09
N ILE B 137 1.67 14.97 2.30
CA ILE B 137 0.58 15.76 2.89
C ILE B 137 1.20 16.83 3.79
N GLN B 138 0.75 18.07 3.66
CA GLN B 138 1.43 19.21 4.28
C GLN B 138 0.84 19.62 5.64
N LYS B 139 -0.49 19.58 5.74
CA LYS B 139 -1.20 20.03 6.95
C LYS B 139 -1.59 18.85 7.86
N GLU B 140 -2.09 19.18 9.06
CA GLU B 140 -2.36 18.17 10.11
C GLU B 140 -3.74 17.54 9.96
N GLU B 141 -4.66 18.29 9.38
CA GLU B 141 -5.94 17.75 8.91
C GLU B 141 -5.99 17.86 7.38
N ILE B 142 -6.89 17.12 6.75
CA ILE B 142 -7.05 17.16 5.30
C ILE B 142 -8.42 16.62 4.92
N SER B 143 -9.18 17.40 4.15
CA SER B 143 -10.47 16.92 3.65
C SER B 143 -10.26 15.73 2.74
N LEU B 144 -11.24 14.85 2.69
CA LEU B 144 -11.24 13.75 1.73
C LEU B 144 -11.15 14.27 0.31
N LYS B 145 -11.84 15.37 0.04
CA LYS B 145 -11.82 16.03 -1.28
C LYS B 145 -10.40 16.36 -1.76
N GLU B 146 -9.58 16.88 -0.85
CA GLU B 146 -8.23 17.29 -1.19
C GLU B 146 -7.33 16.09 -1.32
N LEU B 147 -7.52 15.12 -0.44
CA LEU B 147 -6.77 13.88 -0.50
C LEU B 147 -7.07 13.16 -1.81
N ASP B 148 -8.34 13.19 -2.20
CA ASP B 148 -8.80 12.50 -3.39
C ASP B 148 -8.23 13.15 -4.64
N PHE B 149 -8.20 14.47 -4.61
CA PHE B 149 -7.76 15.24 -5.76
C PHE B 149 -6.28 15.10 -5.95
N LYS B 150 -5.54 15.16 -4.85
CA LYS B 150 -4.09 15.15 -4.90
C LYS B 150 -3.57 13.79 -5.35
N ILE B 151 -4.19 12.71 -4.91
CA ILE B 151 -3.82 11.38 -5.35
C ILE B 151 -4.08 11.22 -6.84
N ARG B 152 -5.32 11.47 -7.27
CA ARG B 152 -5.71 11.31 -8.67
C ARG B 152 -4.84 12.16 -9.61
N GLN B 153 -4.55 13.39 -9.20
CA GLN B 153 -3.68 14.27 -9.99
C GLN B 153 -2.28 13.64 -10.18
N GLN B 154 -1.70 13.12 -9.10
CA GLN B 154 -0.41 12.47 -9.19
C GLN B 154 -0.46 11.33 -10.18
N LEU B 155 -1.57 10.60 -10.14
CA LEU B 155 -1.76 9.44 -10.99
C LEU B 155 -1.97 9.85 -12.43
N VAL B 156 -2.67 10.96 -12.64
CA VAL B 156 -2.91 11.52 -13.98
C VAL B 156 -1.63 12.09 -14.59
N ASN B 157 -0.67 12.44 -13.74
CA ASN B 157 0.58 13.07 -14.18
C ASN B 157 1.75 12.10 -14.32
N ASN B 158 1.71 10.98 -13.61
CA ASN B 158 2.83 10.08 -13.49
C ASN B 158 2.51 8.61 -13.81
N TYR B 159 1.24 8.23 -13.81
CA TYR B 159 0.81 6.84 -13.99
C TYR B 159 -0.21 6.70 -15.12
N GLY B 160 -0.17 7.66 -16.06
CA GLY B 160 -1.09 7.69 -17.18
C GLY B 160 -2.54 7.36 -16.86
N LEU B 161 -3.05 7.85 -15.72
CA LEU B 161 -4.45 7.69 -15.38
C LEU B 161 -5.33 8.60 -16.24
N TYR B 162 -6.55 8.13 -16.49
CA TYR B 162 -7.55 8.76 -17.35
C TYR B 162 -7.04 8.99 -18.79
N LYS B 163 -6.23 8.04 -19.25
CA LYS B 163 -5.56 8.13 -20.53
C LYS B 163 -5.44 6.71 -21.12
N GLY B 164 -6.08 6.49 -22.27
CA GLY B 164 -6.16 5.17 -22.84
C GLY B 164 -7.14 4.28 -22.10
N THR B 165 -6.63 3.17 -21.57
CA THR B 165 -7.46 2.16 -20.89
C THR B 165 -7.49 2.33 -19.37
N SER B 166 -6.80 3.35 -18.84
CA SER B 166 -6.75 3.58 -17.40
C SER B 166 -7.92 4.45 -16.93
N LYS B 167 -8.87 3.84 -16.24
CA LYS B 167 -10.04 4.57 -15.76
C LYS B 167 -10.60 3.96 -14.47
N TYR B 168 -11.00 2.69 -14.52
CA TYR B 168 -11.64 2.03 -13.37
C TYR B 168 -10.61 1.52 -12.37
N GLY B 169 -11.05 1.31 -11.15
CA GLY B 169 -10.18 0.94 -10.04
C GLY B 169 -10.61 1.57 -8.74
N LYS B 170 -9.76 1.47 -7.72
CA LYS B 170 -10.06 2.07 -6.42
C LYS B 170 -8.83 2.64 -5.75
N ILE B 171 -9.03 3.76 -5.05
CA ILE B 171 -8.09 4.27 -4.08
C ILE B 171 -8.51 3.73 -2.72
N ILE B 172 -7.57 3.08 -2.02
CA ILE B 172 -7.83 2.50 -0.73
C ILE B 172 -6.84 3.10 0.26
N ILE B 173 -7.37 3.93 1.14
CA ILE B 173 -6.60 4.55 2.21
C ILE B 173 -6.71 3.73 3.49
N ASN B 174 -5.56 3.44 4.10
CA ASN B 174 -5.48 2.75 5.38
C ASN B 174 -5.40 3.79 6.49
N LEU B 175 -6.32 3.73 7.45
CA LEU B 175 -6.35 4.70 8.54
C LEU B 175 -5.95 4.10 9.89
N LYS B 176 -5.57 4.97 10.81
CA LYS B 176 -4.95 4.57 12.09
C LYS B 176 -5.51 3.25 12.53
N ASP B 177 -4.61 2.25 12.53
CA ASP B 177 -4.91 0.86 12.93
C ASP B 177 -6.38 0.66 13.41
N GLU B 178 -7.32 0.24 12.54
CA GLU B 178 -7.15 0.18 11.08
C GLU B 178 -8.51 0.25 10.34
N ASN B 179 -8.93 1.47 9.95
CA ASN B 179 -10.15 1.70 9.19
C ASN B 179 -9.90 2.02 7.73
N LYS B 180 -10.85 1.62 6.89
CA LYS B 180 -10.70 1.68 5.45
C LYS B 180 -11.56 2.80 4.90
N VAL B 181 -11.09 3.36 3.77
CA VAL B 181 -11.83 4.33 2.96
C VAL B 181 -11.60 3.98 1.50
N GLU B 182 -12.64 3.54 0.81
CA GLU B 182 -12.56 3.27 -0.62
C GLU B 182 -13.08 4.48 -1.40
N ILE B 183 -12.46 4.76 -2.54
CA ILE B 183 -13.00 5.72 -3.51
C ILE B 183 -12.90 5.09 -4.87
N ASP B 184 -13.97 5.15 -5.64
CA ASP B 184 -13.99 4.55 -6.97
C ASP B 184 -13.43 5.53 -7.99
N LEU B 185 -12.46 5.06 -8.79
CA LEU B 185 -11.84 5.85 -9.85
C LEU B 185 -12.72 5.99 -11.07
N GLY B 186 -13.76 5.18 -11.15
CA GLY B 186 -14.66 5.15 -12.30
C GLY B 186 -15.46 6.41 -12.46
N ASP B 187 -15.74 7.07 -11.34
CA ASP B 187 -16.41 8.37 -11.36
C ASP B 187 -15.80 9.36 -10.39
N LYS B 188 -16.16 10.63 -10.57
CA LYS B 188 -15.81 11.70 -9.64
C LYS B 188 -16.24 11.35 -8.22
N LEU B 189 -15.48 11.83 -7.23
CA LEU B 189 -15.81 11.62 -5.81
C LEU B 189 -17.20 12.14 -5.52
N GLN B 190 -18.00 11.35 -4.81
CA GLN B 190 -19.37 11.72 -4.51
C GLN B 190 -19.40 13.02 -3.70
N PHE B 191 -20.07 14.02 -4.27
CA PHE B 191 -20.24 15.34 -3.65
C PHE B 191 -20.50 15.27 -2.15
N GLU B 192 -21.24 14.25 -1.73
CA GLU B 192 -21.74 14.14 -0.35
C GLU B 192 -20.66 13.70 0.67
N ARG B 193 -19.52 13.23 0.18
CA ARG B 193 -18.40 12.82 1.03
C ARG B 193 -17.30 13.87 1.06
N MET B 194 -17.42 14.90 0.21
CA MET B 194 -16.37 15.93 0.13
C MET B 194 -16.19 16.69 1.45
N GLY B 195 -17.22 16.71 2.27
CA GLY B 195 -17.12 17.31 3.59
C GLY B 195 -16.40 16.47 4.64
N ASP B 196 -16.09 15.21 4.33
CA ASP B 196 -15.36 14.30 5.25
C ASP B 196 -13.94 14.79 5.39
N VAL B 197 -13.40 14.68 6.59
CA VAL B 197 -12.03 15.10 6.85
C VAL B 197 -11.24 14.00 7.56
N LEU B 198 -9.95 13.93 7.27
CA LEU B 198 -9.06 12.89 7.78
C LEU B 198 -7.99 13.51 8.66
N ASN B 199 -7.53 12.78 9.67
CA ASN B 199 -6.37 13.19 10.45
C ASN B 199 -5.12 12.70 9.74
N SER B 200 -4.30 13.64 9.27
CA SER B 200 -3.16 13.37 8.41
C SER B 200 -2.20 12.32 8.95
N LYS B 201 -1.85 12.44 10.24
CA LYS B 201 -0.93 11.51 10.89
C LYS B 201 -1.45 10.07 10.84
N ASP B 202 -2.77 9.89 10.98
CA ASP B 202 -3.43 8.58 10.96
C ASP B 202 -3.47 7.88 9.60
N ILE B 203 -3.06 8.57 8.53
CA ILE B 203 -3.05 7.97 7.21
C ILE B 203 -1.83 7.07 7.06
N ARG B 204 -2.03 5.76 7.24
CA ARG B 204 -0.95 4.79 7.20
C ARG B 204 -0.34 4.65 5.82
N GLY B 205 -1.18 4.75 4.80
CA GLY B 205 -0.75 4.66 3.42
C GLY B 205 -1.92 4.47 2.47
N ILE B 206 -1.70 4.82 1.21
CA ILE B 206 -2.70 4.66 0.14
C ILE B 206 -2.24 3.59 -0.82
N SER B 207 -3.17 2.79 -1.33
CA SER B 207 -2.85 1.86 -2.40
C SER B 207 -3.95 1.87 -3.45
N VAL B 208 -3.62 2.39 -4.62
CA VAL B 208 -4.56 2.51 -5.73
C VAL B 208 -4.39 1.35 -6.68
N THR B 209 -5.48 0.73 -7.09
CA THR B 209 -5.47 -0.29 -8.14
C THR B 209 -6.21 0.22 -9.38
N ILE B 210 -5.54 0.25 -10.52
CA ILE B 210 -6.21 0.56 -11.79
C ILE B 210 -6.50 -0.72 -12.56
N ASN B 211 -7.76 -1.14 -12.57
CA ASN B 211 -8.19 -2.29 -13.37
C ASN B 211 -8.36 -1.87 -14.85
N GLN B 212 -7.30 -1.98 -15.65
CA GLN B 212 -7.34 -1.52 -17.04
C GLN B 212 -8.35 -2.28 -17.92
N ILE B 213 -8.87 -1.57 -18.91
CA ILE B 213 -9.95 -2.02 -19.80
C ILE B 213 -9.42 -3.03 -20.82
#